data_4GGM
#
_entry.id   4GGM
#
_cell.length_a   74.286
_cell.length_b   74.286
_cell.length_c   364.644
_cell.angle_alpha   90.00
_cell.angle_beta   90.00
_cell.angle_gamma   90.00
#
_symmetry.space_group_name_H-M   'I 41 2 2'
#
loop_
_entity.id
_entity.type
_entity.pdbx_description
1 polymer 'UDP-2,3-diacylglucosamine pyrophosphatase LpxI'
2 non-polymer 'MAGNESIUM ION'
3 non-polymer '(R)-((2R,3S,4R,5R,6R)-3-HYDROXY-2-(HYDROXYMETHYL)-5-((R)-3-HYDROXYTETRADECANAMIDO)-6-(PHOSPHONOOXY)TETRAHYDRO-2H-PYRAN-4-YL) 3-HYDROXYTETRADECANOATE'
4 water water
#
_entity_poly.entity_id   1
_entity_poly.type   'polypeptide(L)'
_entity_poly.pdbx_seq_one_letter_code
;GH(MSE)(MSE)RKLGLIAGGGALPVELASHCEAAGRAFAV(MSE)RLRSFADPSLDRYPGADVGIGEFGKIFKALRAEG
CDVVCFAGNVSRPDFSAL(MSE)PDARGLKVLPSLIVAARKGDDALLRRVLDEFEKEGFEIEGAHEV(MSE)GE(MSE)T
LPRGRLGKVSPAPEH(MSE)ADIDKALDVAREIGRLDIGQGAVVCEGLVLAVEAQEGTDA(MSE)LRRVADLPEAIRGRA
ERRLGVLAKAPKPIQETRVDLPTIGVATIHRAARAGLAGIVGEAGRLLVVDREAVIAAADDLGLFVLGVDPQERP
;
_entity_poly.pdbx_strand_id   X
#
# COMPACT_ATOMS: atom_id res chain seq x y z
N ARG A 5 6.50 10.99 0.37
CA ARG A 5 7.73 11.01 -0.42
C ARG A 5 7.58 10.12 -1.66
N LYS A 6 8.06 10.59 -2.81
CA LYS A 6 8.06 9.74 -4.00
C LYS A 6 9.10 8.64 -3.84
N LEU A 7 8.71 7.43 -4.23
CA LEU A 7 9.55 6.25 -4.03
C LEU A 7 10.45 5.91 -5.20
N GLY A 8 11.71 5.63 -4.89
CA GLY A 8 12.62 4.98 -5.82
C GLY A 8 12.66 3.51 -5.45
N LEU A 9 11.90 2.72 -6.19
CA LEU A 9 11.90 1.28 -5.98
C LEU A 9 13.07 0.66 -6.73
N ILE A 10 14.02 0.14 -5.98
CA ILE A 10 15.20 -0.50 -6.57
C ILE A 10 14.96 -2.01 -6.61
N ALA A 11 14.77 -2.52 -7.82
CA ALA A 11 14.18 -3.83 -8.03
C ALA A 11 15.18 -4.93 -8.33
N GLY A 12 15.35 -5.84 -7.37
CA GLY A 12 16.08 -7.08 -7.60
C GLY A 12 15.17 -8.18 -8.13
N GLY A 13 15.65 -9.42 -8.10
CA GLY A 13 14.87 -10.54 -8.60
C GLY A 13 13.67 -10.90 -7.74
N GLY A 14 12.69 -11.55 -8.35
CA GLY A 14 11.58 -12.08 -7.58
C GLY A 14 10.30 -11.27 -7.66
N ALA A 15 9.31 -11.68 -6.88
CA ALA A 15 7.97 -11.13 -6.98
C ALA A 15 7.66 -9.99 -6.01
N LEU A 16 8.58 -9.70 -5.09
CA LEU A 16 8.33 -8.65 -4.12
C LEU A 16 8.24 -7.25 -4.75
N PRO A 17 9.26 -6.87 -5.54
CA PRO A 17 9.18 -5.52 -6.12
C PRO A 17 7.97 -5.36 -7.03
N VAL A 18 7.59 -6.44 -7.71
CA VAL A 18 6.44 -6.41 -8.60
C VAL A 18 5.14 -6.06 -7.84
N GLU A 19 4.88 -6.80 -6.77
CA GLU A 19 3.76 -6.54 -5.87
C GLU A 19 3.79 -5.07 -5.40
N LEU A 20 4.97 -4.64 -4.95
CA LEU A 20 5.17 -3.31 -4.43
C LEU A 20 4.80 -2.21 -5.42
N ALA A 21 5.22 -2.41 -6.66
CA ALA A 21 4.92 -1.45 -7.71
C ALA A 21 3.40 -1.33 -7.90
N SER A 22 2.74 -2.47 -8.05
CA SER A 22 1.30 -2.49 -8.29
C SER A 22 0.54 -1.79 -7.14
N HIS A 23 0.90 -2.16 -5.92
CA HIS A 23 0.28 -1.56 -4.76
C HIS A 23 0.53 -0.05 -4.75
N CYS A 24 1.74 0.35 -5.12
CA CYS A 24 2.06 1.77 -5.23
C CYS A 24 1.16 2.48 -6.22
N GLU A 25 0.88 1.82 -7.33
CA GLU A 25 0.12 2.43 -8.41
C GLU A 25 -1.37 2.45 -8.03
N ALA A 26 -1.83 1.38 -7.39
CA ALA A 26 -3.19 1.35 -6.84
C ALA A 26 -3.40 2.46 -5.80
N ALA A 27 -2.43 2.68 -4.93
CA ALA A 27 -2.57 3.69 -3.89
C ALA A 27 -2.44 5.08 -4.50
N GLY A 28 -2.06 5.12 -5.77
CA GLY A 28 -1.78 6.37 -6.43
C GLY A 28 -0.47 7.00 -5.97
N ARG A 29 0.34 6.25 -5.21
CA ARG A 29 1.59 6.81 -4.72
C ARG A 29 2.65 7.00 -5.86
N ALA A 30 3.39 8.11 -5.80
CA ALA A 30 4.35 8.45 -6.85
C ALA A 30 5.57 7.57 -6.74
N PHE A 31 6.04 7.05 -7.87
CA PHE A 31 7.28 6.28 -7.88
C PHE A 31 8.06 6.19 -9.21
N ALA A 32 9.15 5.43 -9.17
CA ALA A 32 9.85 5.02 -10.36
C ALA A 32 10.56 3.72 -10.01
N VAL A 33 10.92 2.95 -11.04
CA VAL A 33 11.55 1.67 -10.79
C VAL A 33 12.95 1.66 -11.36
N ARG A 35 15.33 -0.85 -12.35
CA ARG A 35 15.34 -2.27 -12.66
C ARG A 35 16.76 -2.79 -12.84
N LEU A 36 17.24 -3.53 -11.85
CA LEU A 36 18.58 -4.13 -11.87
C LEU A 36 18.70 -5.22 -12.94
N ARG A 37 19.54 -4.96 -13.95
CA ARG A 37 19.71 -5.88 -15.08
C ARG A 37 20.02 -7.32 -14.67
N SER A 38 19.29 -8.26 -15.27
CA SER A 38 19.39 -9.71 -15.01
C SER A 38 18.76 -10.13 -13.68
N PHE A 39 18.30 -9.15 -12.91
CA PHE A 39 17.61 -9.43 -11.65
C PHE A 39 16.11 -9.13 -11.79
N ALA A 40 15.80 -7.88 -12.10
CA ALA A 40 14.40 -7.43 -12.17
C ALA A 40 13.58 -8.19 -13.21
N ASP A 41 12.43 -8.70 -12.74
CA ASP A 41 11.42 -9.36 -13.57
C ASP A 41 10.95 -8.39 -14.67
N PRO A 42 10.78 -8.90 -15.90
CA PRO A 42 10.53 -7.99 -17.02
C PRO A 42 9.17 -7.29 -16.98
N SER A 43 8.24 -7.78 -16.17
CA SER A 43 6.92 -7.14 -16.09
C SER A 43 7.00 -5.79 -15.38
N LEU A 44 8.21 -5.25 -15.26
CA LEU A 44 8.45 -3.98 -14.60
C LEU A 44 8.80 -2.91 -15.62
N ASP A 45 9.07 -3.36 -16.85
CA ASP A 45 9.46 -2.45 -17.92
C ASP A 45 8.34 -1.46 -18.23
N ARG A 46 7.13 -1.81 -17.77
CA ARG A 46 5.95 -1.00 -18.03
C ARG A 46 5.94 0.27 -17.20
N TYR A 47 6.60 0.23 -16.04
CA TYR A 47 6.64 1.38 -15.13
C TYR A 47 7.74 2.37 -15.52
N PRO A 48 7.56 3.66 -15.16
CA PRO A 48 8.59 4.67 -15.43
C PRO A 48 9.80 4.40 -14.57
N GLY A 49 10.99 4.67 -15.13
CA GLY A 49 12.24 4.42 -14.44
C GLY A 49 13.34 4.07 -15.42
N ALA A 50 14.24 3.18 -15.01
CA ALA A 50 15.44 2.92 -15.78
C ALA A 50 15.96 1.50 -15.59
N ASP A 51 16.58 0.96 -16.63
CA ASP A 51 17.25 -0.32 -16.52
C ASP A 51 18.71 -0.03 -16.28
N VAL A 52 19.19 -0.29 -15.06
CA VAL A 52 20.61 -0.16 -14.77
C VAL A 52 21.24 -1.48 -14.30
N GLY A 53 22.47 -1.71 -14.72
CA GLY A 53 23.23 -2.82 -14.19
C GLY A 53 23.77 -2.43 -12.83
N ILE A 54 24.11 -3.43 -12.04
CA ILE A 54 24.98 -3.17 -10.93
C ILE A 54 26.39 -3.33 -11.53
N GLY A 55 27.30 -2.40 -11.25
CA GLY A 55 27.04 -1.23 -10.46
C GLY A 55 27.25 0.03 -11.24
N GLU A 56 26.30 0.33 -12.11
CA GLU A 56 26.21 1.66 -12.67
C GLU A 56 25.57 2.56 -11.62
N PHE A 57 26.31 2.81 -10.54
CA PHE A 57 25.89 3.72 -9.46
C PHE A 57 25.67 5.13 -9.97
N GLY A 58 26.59 5.61 -10.80
CA GLY A 58 26.46 6.92 -11.39
C GLY A 58 25.09 7.07 -12.04
N LYS A 59 24.76 6.09 -12.88
CA LYS A 59 23.48 6.03 -13.57
C LYS A 59 22.32 6.00 -12.58
N ILE A 60 22.45 5.21 -11.52
CA ILE A 60 21.31 5.04 -10.64
C ILE A 60 20.97 6.31 -9.86
N PHE A 61 22.00 7.02 -9.40
CA PHE A 61 21.81 8.30 -8.72
C PHE A 61 21.22 9.32 -9.70
N LYS A 62 21.68 9.22 -10.94
CA LYS A 62 21.27 10.12 -11.99
C LYS A 62 19.77 10.02 -12.20
N ALA A 63 19.31 8.79 -12.46
CA ALA A 63 17.90 8.55 -12.74
C ALA A 63 17.04 8.74 -11.48
N LEU A 64 17.61 8.42 -10.32
CA LEU A 64 16.89 8.57 -9.07
C LEU A 64 16.49 10.03 -8.88
N ARG A 65 17.48 10.92 -9.05
CA ARG A 65 17.21 12.35 -8.98
C ARG A 65 16.35 12.81 -10.14
N ALA A 66 16.65 12.29 -11.34
CA ALA A 66 15.85 12.57 -12.52
C ALA A 66 14.35 12.23 -12.33
N GLU A 67 14.02 11.29 -11.45
CA GLU A 67 12.61 11.05 -11.13
C GLU A 67 12.15 11.82 -9.88
N GLY A 68 13.07 12.56 -9.25
CA GLY A 68 12.76 13.26 -8.02
C GLY A 68 12.35 12.30 -6.91
N CYS A 69 13.11 11.21 -6.75
CA CYS A 69 12.91 10.32 -5.62
C CYS A 69 13.82 10.78 -4.50
N ASP A 70 13.27 10.89 -3.30
CA ASP A 70 14.06 11.26 -2.14
C ASP A 70 14.09 10.10 -1.13
N VAL A 71 13.26 9.10 -1.40
CA VAL A 71 13.28 7.87 -0.64
C VAL A 71 13.42 6.66 -1.54
N VAL A 72 14.25 5.71 -1.13
CA VAL A 72 14.40 4.48 -1.90
C VAL A 72 14.08 3.22 -1.08
N CYS A 73 13.61 2.20 -1.79
CA CYS A 73 13.42 0.89 -1.19
C CYS A 73 14.13 -0.15 -2.04
N PHE A 74 14.89 -1.01 -1.37
CA PHE A 74 15.56 -2.12 -2.03
C PHE A 74 14.78 -3.37 -1.79
N ALA A 75 14.23 -3.93 -2.86
CA ALA A 75 13.37 -5.10 -2.74
C ALA A 75 13.66 -6.11 -3.84
N GLY A 76 13.81 -7.36 -3.44
CA GLY A 76 14.01 -8.44 -4.38
C GLY A 76 15.28 -9.21 -4.05
N ASN A 77 15.46 -10.34 -4.71
CA ASN A 77 16.69 -11.11 -4.54
C ASN A 77 17.85 -10.48 -5.29
N VAL A 78 18.97 -10.33 -4.60
CA VAL A 78 20.24 -10.00 -5.22
C VAL A 78 21.36 -10.83 -4.58
N SER A 79 22.25 -11.38 -5.38
CA SER A 79 23.43 -12.06 -4.86
C SER A 79 24.66 -11.23 -5.16
N ARG A 80 25.74 -11.41 -4.40
CA ARG A 80 26.98 -10.70 -4.72
C ARG A 80 27.39 -11.11 -6.13
N PRO A 81 27.92 -10.14 -6.89
CA PRO A 81 28.29 -10.33 -8.29
C PRO A 81 29.71 -10.88 -8.45
N ASP A 82 30.14 -10.96 -9.72
CA ASP A 82 31.51 -11.27 -10.09
C ASP A 82 32.16 -9.91 -10.09
N PHE A 83 33.28 -9.75 -9.39
CA PHE A 83 33.88 -8.42 -9.30
C PHE A 83 34.85 -8.11 -10.46
N SER A 84 35.22 -9.14 -11.21
CA SER A 84 36.03 -8.98 -12.42
C SER A 84 35.14 -8.67 -13.64
N ALA A 85 34.06 -9.45 -13.78
CA ALA A 85 33.11 -9.33 -14.89
C ALA A 85 32.21 -8.09 -14.78
N LEU A 86 32.40 -7.35 -13.69
CA LEU A 86 31.61 -6.18 -13.44
C LEU A 86 32.01 -5.08 -14.40
N PRO A 88 31.36 -1.46 -14.22
CA PRO A 88 30.85 -0.24 -13.57
C PRO A 88 31.06 1.03 -14.37
N ASP A 89 30.18 2.02 -14.15
CA ASP A 89 30.41 3.37 -14.61
C ASP A 89 31.38 4.02 -13.65
N ALA A 90 31.68 5.29 -13.85
CA ALA A 90 32.84 5.86 -13.17
C ALA A 90 32.52 6.32 -11.75
N ARG A 91 31.47 5.77 -11.16
CA ARG A 91 31.01 6.29 -9.89
C ARG A 91 31.06 5.45 -8.60
N GLY A 92 30.79 4.14 -8.64
CA GLY A 92 30.85 3.28 -9.78
C GLY A 92 32.20 2.63 -9.56
N LEU A 93 33.17 2.96 -10.40
CA LEU A 93 34.53 2.55 -10.13
C LEU A 93 35.09 3.25 -8.89
N LYS A 94 34.63 4.46 -8.62
CA LYS A 94 35.11 5.17 -7.43
C LYS A 94 34.76 4.41 -6.16
N VAL A 95 33.52 3.92 -6.07
CA VAL A 95 33.01 3.22 -4.90
C VAL A 95 33.54 1.80 -4.75
N LEU A 96 33.77 1.16 -5.89
CA LEU A 96 34.13 -0.25 -5.98
C LEU A 96 35.07 -0.82 -4.90
N PRO A 97 36.17 -0.12 -4.57
CA PRO A 97 37.08 -0.80 -3.63
C PRO A 97 36.47 -0.90 -2.22
N SER A 98 35.82 0.18 -1.79
CA SER A 98 35.12 0.22 -0.51
C SER A 98 34.20 -0.99 -0.38
N LEU A 99 33.58 -1.34 -1.50
CA LEU A 99 32.73 -2.52 -1.58
C LEU A 99 33.49 -3.82 -1.35
N ILE A 100 34.60 -3.99 -2.06
CA ILE A 100 35.38 -5.23 -1.96
C ILE A 100 35.92 -5.48 -0.54
N VAL A 101 36.24 -4.41 0.18
CA VAL A 101 36.62 -4.53 1.58
C VAL A 101 35.49 -5.11 2.45
N ALA A 102 34.32 -4.49 2.37
CA ALA A 102 33.14 -4.94 3.09
C ALA A 102 32.76 -6.35 2.63
N ALA A 103 32.87 -6.59 1.33
CA ALA A 103 32.55 -7.88 0.76
C ALA A 103 33.39 -9.00 1.38
N ARG A 104 34.62 -8.66 1.78
CA ARG A 104 35.54 -9.59 2.43
C ARG A 104 35.14 -9.93 3.86
N LYS A 105 34.17 -9.17 4.38
CA LYS A 105 33.66 -9.32 5.73
C LYS A 105 32.30 -10.01 5.71
N GLY A 106 31.71 -10.14 4.53
CA GLY A 106 30.43 -10.83 4.38
C GLY A 106 29.36 -10.06 3.63
N ASP A 107 28.39 -10.79 3.10
CA ASP A 107 27.27 -10.17 2.38
C ASP A 107 26.62 -9.06 3.20
N ASP A 108 26.49 -9.29 4.50
CA ASP A 108 25.87 -8.30 5.38
C ASP A 108 26.60 -6.96 5.36
N ALA A 109 27.92 -7.00 5.56
CA ALA A 109 28.73 -5.80 5.56
C ALA A 109 28.69 -5.14 4.18
N LEU A 110 28.60 -5.97 3.16
CA LEU A 110 28.53 -5.52 1.78
C LEU A 110 27.22 -4.78 1.50
N LEU A 111 26.11 -5.46 1.77
CA LEU A 111 24.81 -4.81 1.65
C LEU A 111 24.81 -3.52 2.46
N ARG A 112 25.26 -3.61 3.71
CA ARG A 112 25.32 -2.43 4.57
C ARG A 112 26.12 -1.30 3.90
N ARG A 113 27.30 -1.62 3.38
CA ARG A 113 28.11 -0.64 2.67
C ARG A 113 27.40 0.05 1.51
N VAL A 114 26.67 -0.73 0.72
CA VAL A 114 25.88 -0.17 -0.37
C VAL A 114 24.92 0.88 0.16
N LEU A 115 24.24 0.55 1.25
CA LEU A 115 23.29 1.48 1.85
C LEU A 115 23.96 2.76 2.36
N ASP A 116 25.17 2.63 2.91
CA ASP A 116 25.91 3.79 3.39
C ASP A 116 26.08 4.80 2.26
N GLU A 117 26.25 4.27 1.05
CA GLU A 117 26.50 5.10 -0.12
C GLU A 117 25.25 5.89 -0.51
N PHE A 118 24.12 5.18 -0.55
CA PHE A 118 22.85 5.83 -0.88
C PHE A 118 22.47 6.83 0.20
N GLU A 119 22.84 6.54 1.44
CA GLU A 119 22.59 7.46 2.52
C GLU A 119 23.50 8.68 2.43
N LYS A 120 24.78 8.45 2.16
CA LYS A 120 25.75 9.54 2.00
C LYS A 120 25.51 10.38 0.73
N GLU A 121 24.72 9.86 -0.20
CA GLU A 121 24.52 10.53 -1.48
C GLU A 121 23.63 11.80 -1.58
N GLY A 122 22.39 11.82 -1.04
CA GLY A 122 21.87 10.89 -0.07
C GLY A 122 20.35 10.78 0.01
N PHE A 123 19.87 9.56 -0.12
CA PHE A 123 18.46 9.26 -0.15
C PHE A 123 18.06 8.60 1.15
N GLU A 124 16.83 8.85 1.60
CA GLU A 124 16.32 8.18 2.78
C GLU A 124 16.01 6.75 2.38
N ILE A 125 16.47 5.81 3.20
CA ILE A 125 16.29 4.39 2.89
C ILE A 125 15.11 3.82 3.67
N GLU A 126 14.24 3.11 2.97
CA GLU A 126 13.05 2.54 3.58
C GLU A 126 12.99 1.05 3.26
N GLY A 127 12.42 0.27 4.18
CA GLY A 127 12.16 -1.14 3.94
C GLY A 127 10.77 -1.43 3.39
N ALA A 128 10.65 -2.56 2.68
CA ALA A 128 9.39 -3.00 2.05
C ALA A 128 8.15 -2.90 2.95
N HIS A 129 8.32 -3.28 4.21
CA HIS A 129 7.20 -3.27 5.13
C HIS A 129 6.74 -1.82 5.34
N GLU A 130 7.68 -0.93 5.63
CA GLU A 130 7.35 0.48 5.87
C GLU A 130 6.67 1.11 4.64
N VAL A 131 7.04 0.65 3.45
CA VAL A 131 6.47 1.19 2.22
C VAL A 131 5.00 0.85 2.17
N GLY A 133 3.09 -0.16 4.89
CA GLY A 133 2.54 0.53 6.04
C GLY A 133 2.00 1.91 5.72
N GLU A 134 2.78 2.69 4.98
CA GLU A 134 2.43 4.09 4.77
C GLU A 134 1.36 4.32 3.72
N THR A 136 -1.23 1.79 3.30
CA THR A 136 -2.37 1.06 3.81
C THR A 136 -2.91 1.71 5.08
N LEU A 137 -3.98 1.10 5.62
CA LEU A 137 -4.55 1.49 6.90
C LEU A 137 -3.48 1.45 7.97
N PRO A 138 -3.68 2.22 9.03
CA PRO A 138 -2.81 2.05 10.19
C PRO A 138 -3.51 1.09 11.13
N ARG A 139 -3.04 0.98 12.35
CA ARG A 139 -3.79 0.22 13.35
C ARG A 139 -4.47 1.26 14.24
N GLY A 140 -5.80 1.30 14.18
CA GLY A 140 -6.57 2.31 14.88
C GLY A 140 -7.02 3.38 13.92
N ARG A 141 -7.50 4.50 14.46
CA ARG A 141 -8.04 5.57 13.60
C ARG A 141 -7.00 6.12 12.62
N LEU A 142 -7.51 6.54 11.47
CA LEU A 142 -6.70 7.12 10.40
C LEU A 142 -6.77 8.65 10.45
N GLY A 143 -7.92 9.16 10.85
CA GLY A 143 -8.16 10.59 10.88
C GLY A 143 -8.40 11.07 12.30
N LYS A 144 -9.04 12.24 12.41
CA LYS A 144 -9.30 12.84 13.71
C LYS A 144 -10.48 12.14 14.42
N VAL A 145 -11.45 11.67 13.63
CA VAL A 145 -12.63 11.01 14.18
C VAL A 145 -12.38 9.57 14.65
N SER A 146 -12.84 9.26 15.87
CA SER A 146 -12.77 7.92 16.44
C SER A 146 -14.17 7.30 16.37
N PRO A 147 -14.25 5.97 16.56
CA PRO A 147 -15.59 5.40 16.73
C PRO A 147 -16.11 5.67 18.13
N ALA A 148 -17.43 5.62 18.29
CA ALA A 148 -18.06 5.73 19.59
C ALA A 148 -18.42 4.33 20.08
N PRO A 149 -18.67 4.17 21.40
CA PRO A 149 -19.06 2.85 21.92
C PRO A 149 -20.26 2.22 21.20
N GLU A 150 -21.25 3.05 20.87
CA GLU A 150 -22.36 2.62 20.02
C GLU A 150 -21.92 1.88 18.74
N HIS A 151 -20.86 2.36 18.11
CA HIS A 151 -20.44 1.83 16.81
C HIS A 151 -19.69 0.50 16.88
N ALA A 153 -20.35 -2.48 18.26
CA ALA A 153 -21.28 -3.48 17.78
C ALA A 153 -21.16 -3.75 16.29
N ASP A 154 -21.60 -2.78 15.49
CA ASP A 154 -21.55 -2.90 14.03
C ASP A 154 -20.14 -3.17 13.47
N ILE A 155 -19.14 -2.45 13.99
CA ILE A 155 -17.76 -2.62 13.51
C ILE A 155 -17.34 -4.09 13.53
N ASP A 156 -17.57 -4.75 14.65
CA ASP A 156 -17.26 -6.16 14.78
C ASP A 156 -17.98 -7.04 13.75
N LYS A 157 -19.27 -6.81 13.54
CA LYS A 157 -20.02 -7.68 12.63
C LYS A 157 -19.94 -7.27 11.18
N ALA A 158 -19.73 -5.99 10.93
CA ALA A 158 -19.46 -5.52 9.57
C ALA A 158 -18.33 -6.34 8.99
N LEU A 159 -17.27 -6.49 9.78
CA LEU A 159 -16.08 -7.20 9.34
C LEU A 159 -16.27 -8.69 9.09
N ASP A 160 -16.59 -9.48 10.11
CA ASP A 160 -16.64 -10.93 9.92
C ASP A 160 -17.77 -11.39 8.98
N VAL A 161 -18.71 -10.50 8.69
CA VAL A 161 -19.61 -10.68 7.54
C VAL A 161 -18.84 -10.51 6.23
N ALA A 162 -18.25 -9.33 6.08
CA ALA A 162 -17.40 -9.03 4.92
C ALA A 162 -16.31 -10.08 4.68
N ARG A 163 -15.94 -10.83 5.73
CA ARG A 163 -14.95 -11.89 5.60
C ARG A 163 -15.56 -13.17 5.06
N GLU A 164 -16.76 -13.49 5.54
CA GLU A 164 -17.50 -14.67 5.09
C GLU A 164 -17.95 -14.53 3.63
N ILE A 165 -18.24 -13.30 3.22
CA ILE A 165 -18.43 -12.99 1.81
C ILE A 165 -17.19 -13.33 1.00
N GLY A 166 -16.03 -12.85 1.47
CA GLY A 166 -14.76 -13.13 0.84
C GLY A 166 -14.44 -14.62 0.81
N ARG A 167 -14.71 -15.32 1.92
CA ARG A 167 -14.48 -16.76 1.99
C ARG A 167 -15.31 -17.49 0.93
N LEU A 168 -16.48 -16.93 0.63
CA LEU A 168 -17.35 -17.48 -0.40
C LEU A 168 -17.02 -16.98 -1.82
N ASP A 169 -15.86 -16.34 -1.98
CA ASP A 169 -15.38 -15.86 -3.29
C ASP A 169 -16.41 -15.00 -4.05
N ILE A 170 -17.06 -14.10 -3.31
CA ILE A 170 -18.12 -13.28 -3.87
C ILE A 170 -17.64 -11.84 -4.08
N GLY A 171 -17.88 -11.00 -3.08
CA GLY A 171 -17.36 -9.65 -3.09
C GLY A 171 -16.48 -9.45 -1.87
N GLN A 172 -15.99 -8.25 -1.67
CA GLN A 172 -15.11 -8.00 -0.53
C GLN A 172 -15.69 -7.02 0.49
N GLY A 173 -16.96 -6.63 0.33
CA GLY A 173 -17.53 -5.64 1.22
C GLY A 173 -18.88 -5.99 1.79
N ALA A 174 -19.26 -5.29 2.85
CA ALA A 174 -20.56 -5.46 3.51
C ALA A 174 -20.87 -4.27 4.42
N VAL A 175 -22.13 -3.86 4.44
CA VAL A 175 -22.54 -2.72 5.25
C VAL A 175 -23.47 -3.17 6.35
N VAL A 176 -23.07 -2.94 7.60
CA VAL A 176 -23.92 -3.34 8.71
C VAL A 176 -24.37 -2.14 9.54
N CYS A 177 -25.66 -2.06 9.82
CA CYS A 177 -26.18 -0.95 10.61
C CYS A 177 -27.11 -1.46 11.70
N GLU A 178 -26.67 -1.27 12.95
CA GLU A 178 -27.41 -1.68 14.15
C GLU A 178 -27.62 -3.20 14.18
N GLY A 179 -26.72 -3.93 13.53
CA GLY A 179 -26.79 -5.38 13.50
C GLY A 179 -27.45 -5.88 12.23
N LEU A 180 -28.03 -4.94 11.48
CA LEU A 180 -28.73 -5.27 10.25
C LEU A 180 -27.79 -5.20 9.04
N VAL A 181 -27.52 -6.35 8.42
CA VAL A 181 -26.79 -6.36 7.17
C VAL A 181 -27.69 -5.69 6.13
N LEU A 182 -27.23 -4.56 5.60
CA LEU A 182 -28.06 -3.76 4.70
C LEU A 182 -27.69 -4.03 3.27
N ALA A 183 -26.48 -4.53 3.10
CA ALA A 183 -25.86 -4.49 1.80
C ALA A 183 -24.66 -5.40 1.77
N VAL A 184 -24.54 -6.15 0.68
CA VAL A 184 -23.39 -7.02 0.49
C VAL A 184 -22.86 -6.87 -0.91
N GLU A 185 -21.55 -6.63 -1.00
CA GLU A 185 -20.88 -6.38 -2.28
C GLU A 185 -20.56 -7.67 -2.96
N ALA A 186 -20.68 -7.66 -4.28
CA ALA A 186 -20.37 -8.78 -5.13
C ALA A 186 -20.44 -8.18 -6.50
N GLN A 187 -19.29 -7.86 -7.10
CA GLN A 187 -19.24 -7.58 -8.54
C GLN A 187 -19.70 -6.20 -9.00
N GLU A 188 -20.23 -5.38 -8.10
CA GLU A 188 -20.85 -4.14 -8.54
C GLU A 188 -20.00 -2.93 -8.16
N GLY A 189 -18.97 -3.18 -7.35
CA GLY A 189 -18.15 -2.11 -6.83
C GLY A 189 -18.74 -1.52 -5.57
N THR A 190 -17.89 -0.90 -4.76
CA THR A 190 -18.31 -0.38 -3.46
C THR A 190 -19.12 0.91 -3.62
N ASP A 191 -18.79 1.68 -4.64
CA ASP A 191 -19.55 2.90 -4.91
C ASP A 191 -21.05 2.60 -5.11
N ALA A 192 -21.33 1.62 -5.96
CA ALA A 192 -22.68 1.23 -6.28
C ALA A 192 -23.45 0.79 -5.03
N LEU A 194 -22.80 1.52 -1.81
CA LEU A 194 -23.02 2.72 -1.01
C LEU A 194 -24.12 3.66 -1.54
N ARG A 195 -24.43 3.52 -2.83
CA ARG A 195 -25.50 4.32 -3.40
C ARG A 195 -26.80 3.64 -3.05
N ARG A 196 -26.82 2.32 -3.26
CA ARG A 196 -28.01 1.55 -3.02
C ARG A 196 -28.39 1.61 -1.53
N VAL A 197 -27.38 1.85 -0.69
CA VAL A 197 -27.60 1.98 0.76
C VAL A 197 -28.21 3.34 1.10
N ALA A 198 -27.68 4.39 0.49
CA ALA A 198 -28.26 5.74 0.63
C ALA A 198 -29.74 5.72 0.25
N ASP A 199 -30.13 4.71 -0.53
CA ASP A 199 -31.46 4.57 -1.07
C ASP A 199 -32.42 3.79 -0.18
N LEU A 200 -31.89 3.05 0.79
CA LEU A 200 -32.73 2.31 1.74
C LEU A 200 -33.61 3.26 2.60
N PRO A 201 -34.70 2.73 3.19
CA PRO A 201 -35.51 3.55 4.11
C PRO A 201 -34.71 4.11 5.27
N GLU A 202 -34.88 5.40 5.59
CA GLU A 202 -34.12 6.01 6.69
C GLU A 202 -34.43 5.31 8.01
N ALA A 203 -35.54 4.58 8.02
CA ALA A 203 -36.00 3.79 9.16
C ALA A 203 -34.98 2.74 9.62
N ILE A 204 -34.42 2.02 8.65
CA ILE A 204 -33.44 0.96 8.95
C ILE A 204 -32.02 1.47 8.74
N ARG A 205 -31.90 2.77 8.61
CA ARG A 205 -30.65 3.39 8.17
C ARG A 205 -30.11 4.40 9.16
N GLY A 206 -28.89 4.84 8.89
CA GLY A 206 -28.31 5.98 9.58
C GLY A 206 -28.69 7.29 8.89
N ARG A 207 -28.48 8.38 9.63
CA ARG A 207 -28.87 9.70 9.18
C ARG A 207 -27.58 10.49 9.09
N ALA A 208 -27.54 11.45 8.19
CA ALA A 208 -26.38 12.34 8.12
C ALA A 208 -26.25 13.16 9.40
N GLU A 209 -27.39 13.61 9.95
CA GLU A 209 -27.43 14.25 11.25
C GLU A 209 -26.89 13.31 12.33
N ARG A 210 -27.65 12.28 12.69
CA ARG A 210 -27.13 11.25 13.60
C ARG A 210 -26.73 10.00 12.82
N ARG A 211 -25.42 9.73 12.76
CA ARG A 211 -24.89 8.64 11.95
C ARG A 211 -24.95 7.26 12.62
N LEU A 212 -25.21 6.26 11.78
CA LEU A 212 -25.29 4.89 12.23
C LEU A 212 -24.78 3.96 11.14
N GLY A 213 -24.11 2.88 11.55
CA GLY A 213 -23.73 1.85 10.61
C GLY A 213 -22.32 1.98 10.07
N VAL A 214 -21.78 0.86 9.61
CA VAL A 214 -20.36 0.74 9.31
C VAL A 214 -20.11 -0.06 8.04
N LEU A 215 -19.29 0.52 7.16
CA LEU A 215 -18.79 -0.21 5.99
C LEU A 215 -17.51 -0.93 6.34
N ALA A 216 -17.51 -2.24 6.09
CA ALA A 216 -16.30 -3.03 6.23
C ALA A 216 -16.04 -3.66 4.90
N LYS A 217 -14.75 -3.70 4.56
CA LYS A 217 -14.27 -4.18 3.28
C LYS A 217 -12.98 -4.93 3.62
N ALA A 218 -12.95 -6.24 3.35
CA ALA A 218 -11.82 -7.07 3.77
C ALA A 218 -11.30 -7.95 2.63
N PRO A 219 -9.99 -8.24 2.63
CA PRO A 219 -9.45 -9.00 1.49
C PRO A 219 -9.85 -10.47 1.55
N LYS A 220 -10.10 -11.04 0.38
CA LYS A 220 -10.35 -12.48 0.26
C LYS A 220 -9.04 -13.23 0.52
N PRO A 221 -9.13 -14.46 1.06
CA PRO A 221 -7.94 -15.26 1.42
C PRO A 221 -6.99 -15.50 0.23
N ILE A 222 -5.68 -15.62 0.49
CA ILE A 222 -4.66 -15.70 -0.58
C ILE A 222 -4.90 -16.80 -1.60
N GLN A 223 -4.31 -16.65 -2.78
CA GLN A 223 -4.38 -17.68 -3.80
C GLN A 223 -3.04 -17.87 -4.51
N GLU A 224 -2.92 -18.99 -5.24
CA GLU A 224 -1.78 -19.23 -6.11
C GLU A 224 -1.66 -18.06 -7.09
N THR A 225 -2.80 -17.63 -7.61
CA THR A 225 -2.88 -16.41 -8.41
C THR A 225 -2.62 -15.19 -7.52
N ARG A 226 -1.83 -14.24 -8.04
CA ARG A 226 -1.42 -13.05 -7.27
C ARG A 226 -2.61 -12.32 -6.66
N VAL A 227 -2.41 -11.78 -5.46
CA VAL A 227 -3.53 -11.18 -4.72
C VAL A 227 -3.31 -9.69 -4.38
N ASP A 228 -4.20 -8.83 -4.89
CA ASP A 228 -4.15 -7.39 -4.58
C ASP A 228 -5.11 -7.03 -3.42
N LEU A 229 -4.88 -5.88 -2.81
CA LEU A 229 -5.61 -5.48 -1.61
C LEU A 229 -6.84 -4.63 -1.92
N PRO A 230 -7.85 -4.69 -1.03
CA PRO A 230 -9.02 -3.83 -1.18
C PRO A 230 -8.59 -2.38 -1.07
N THR A 231 -9.35 -1.46 -1.65
CA THR A 231 -8.98 -0.06 -1.66
C THR A 231 -10.07 0.87 -1.15
N ILE A 232 -9.64 2.04 -0.70
CA ILE A 232 -10.52 3.08 -0.20
C ILE A 232 -10.29 4.38 -0.98
N GLY A 233 -11.35 4.93 -1.54
CA GLY A 233 -11.24 6.14 -2.31
C GLY A 233 -11.75 7.34 -1.54
N VAL A 234 -11.54 8.52 -2.08
CA VAL A 234 -12.17 9.72 -1.52
C VAL A 234 -13.68 9.64 -1.76
N ALA A 235 -14.07 9.07 -2.90
CA ALA A 235 -15.49 8.92 -3.22
C ALA A 235 -16.13 7.88 -2.30
N THR A 236 -15.30 6.97 -1.80
CA THR A 236 -15.76 6.02 -0.80
C THR A 236 -16.18 6.79 0.45
N ILE A 237 -15.36 7.74 0.87
CA ILE A 237 -15.74 8.57 2.03
C ILE A 237 -17.01 9.35 1.74
N HIS A 238 -17.10 9.91 0.53
CA HIS A 238 -18.27 10.67 0.11
C HIS A 238 -19.57 9.86 0.26
N ARG A 239 -19.65 8.74 -0.46
CA ARG A 239 -20.88 7.94 -0.51
C ARG A 239 -21.25 7.30 0.83
N ALA A 240 -20.25 6.86 1.58
CA ALA A 240 -20.49 6.31 2.90
C ALA A 240 -21.06 7.37 3.84
N ALA A 241 -20.69 8.62 3.59
CA ALA A 241 -21.24 9.71 4.39
C ALA A 241 -22.71 9.94 3.98
N ARG A 242 -22.94 9.90 2.67
CA ARG A 242 -24.29 10.09 2.11
C ARG A 242 -25.25 8.98 2.51
N ALA A 243 -24.73 7.87 3.03
CA ALA A 243 -25.57 6.75 3.50
C ALA A 243 -25.80 6.89 5.01
N GLY A 244 -25.30 8.00 5.56
CA GLY A 244 -25.40 8.25 6.98
C GLY A 244 -24.62 7.25 7.82
N LEU A 245 -23.61 6.63 7.20
CA LEU A 245 -22.75 5.70 7.92
C LEU A 245 -21.84 6.46 8.88
N ALA A 246 -21.49 5.80 9.98
CA ALA A 246 -20.69 6.43 11.02
C ALA A 246 -19.18 6.38 10.72
N GLY A 247 -18.78 5.41 9.90
CA GLY A 247 -17.38 5.15 9.61
C GLY A 247 -17.10 3.92 8.74
N ILE A 248 -15.82 3.75 8.42
CA ILE A 248 -15.36 2.64 7.58
C ILE A 248 -14.24 1.86 8.27
N VAL A 249 -14.09 0.59 7.94
CA VAL A 249 -13.16 -0.26 8.68
C VAL A 249 -12.54 -1.41 7.83
N GLY A 250 -11.32 -1.80 8.17
CA GLY A 250 -10.64 -2.90 7.49
C GLY A 250 -9.44 -3.42 8.27
N GLU A 251 -8.84 -4.51 7.80
CA GLU A 251 -7.67 -5.10 8.48
C GLU A 251 -6.45 -4.18 8.35
N ALA A 252 -5.76 -3.96 9.47
CA ALA A 252 -4.82 -2.85 9.63
C ALA A 252 -3.75 -2.75 8.54
N GLY A 253 -3.17 -3.87 8.15
CA GLY A 253 -2.23 -3.82 7.05
C GLY A 253 -2.90 -4.04 5.71
N ARG A 254 -4.05 -4.70 5.73
CA ARG A 254 -4.66 -5.25 4.52
C ARG A 254 -5.67 -4.35 3.78
N LEU A 255 -5.44 -3.04 3.74
CA LEU A 255 -6.28 -2.17 2.90
C LEU A 255 -5.58 -0.92 2.38
N LEU A 256 -5.57 -0.78 1.05
CA LEU A 256 -4.94 0.35 0.38
C LEU A 256 -5.72 1.65 0.46
N VAL A 257 -5.06 2.72 0.85
CA VAL A 257 -5.72 4.01 0.82
C VAL A 257 -5.17 4.85 -0.32
N VAL A 258 -6.04 5.15 -1.28
CA VAL A 258 -5.77 5.98 -2.45
C VAL A 258 -5.96 7.47 -2.15
N ASP A 259 -4.90 8.24 -2.32
CA ASP A 259 -4.78 9.62 -1.86
C ASP A 259 -5.02 9.76 -0.35
N ARG A 260 -4.09 9.22 0.45
CA ARG A 260 -4.25 9.23 1.92
C ARG A 260 -4.64 10.61 2.46
N GLU A 261 -3.91 11.64 2.05
CA GLU A 261 -4.19 13.01 2.50
C GLU A 261 -5.65 13.37 2.27
N ALA A 262 -6.09 13.15 1.04
CA ALA A 262 -7.42 13.56 0.59
C ALA A 262 -8.52 12.81 1.32
N VAL A 263 -8.31 11.51 1.51
CA VAL A 263 -9.23 10.66 2.24
C VAL A 263 -9.39 11.11 3.71
N ILE A 264 -8.26 11.26 4.41
CA ILE A 264 -8.25 11.82 5.75
C ILE A 264 -9.04 13.12 5.85
N ALA A 265 -8.93 13.98 4.84
CA ALA A 265 -9.61 15.28 4.88
C ALA A 265 -11.11 15.17 4.62
N ALA A 266 -11.51 14.18 3.82
CA ALA A 266 -12.94 13.97 3.59
C ALA A 266 -13.58 13.43 4.87
N ALA A 267 -13.00 12.35 5.39
CA ALA A 267 -13.46 11.72 6.63
C ALA A 267 -13.50 12.72 7.78
N ASP A 268 -12.46 13.55 7.89
CA ASP A 268 -12.40 14.53 8.97
C ASP A 268 -13.50 15.58 8.84
N ASP A 269 -13.58 16.18 7.65
CA ASP A 269 -14.58 17.22 7.37
C ASP A 269 -16.02 16.73 7.47
N LEU A 270 -16.25 15.44 7.20
CA LEU A 270 -17.61 14.92 7.16
C LEU A 270 -18.06 14.22 8.43
N GLY A 271 -17.11 13.91 9.31
CA GLY A 271 -17.40 13.34 10.61
C GLY A 271 -17.29 11.83 10.65
N LEU A 272 -16.75 11.24 9.59
CA LEU A 272 -16.56 9.79 9.61
C LEU A 272 -15.23 9.40 10.25
N PHE A 273 -15.25 8.28 10.97
CA PHE A 273 -14.03 7.65 11.41
C PHE A 273 -13.59 6.69 10.33
N VAL A 274 -12.30 6.42 10.28
CA VAL A 274 -11.78 5.34 9.45
C VAL A 274 -10.82 4.52 10.30
N LEU A 275 -11.09 3.23 10.42
CA LEU A 275 -10.42 2.42 11.42
C LEU A 275 -9.65 1.20 10.89
N GLY A 276 -8.37 1.14 11.23
CA GLY A 276 -7.59 -0.06 10.99
C GLY A 276 -7.73 -1.04 12.15
N VAL A 277 -7.97 -2.30 11.82
CA VAL A 277 -8.23 -3.31 12.84
C VAL A 277 -7.24 -4.47 12.78
N ASP A 278 -6.75 -4.87 13.95
CA ASP A 278 -5.83 -6.00 14.09
C ASP A 278 -6.37 -7.25 13.38
N PRO A 279 -5.61 -7.78 12.40
CA PRO A 279 -6.05 -8.96 11.62
C PRO A 279 -6.31 -10.18 12.49
N GLN A 280 -7.29 -11.00 12.10
CA GLN A 280 -7.74 -12.19 12.85
C GLN A 280 -8.52 -11.83 14.12
#